data_2NOA
#
_entry.id   2NOA
#
_cell.length_a   52.640
_cell.length_b   134.240
_cell.length_c   154.860
_cell.angle_alpha   90.00
_cell.angle_beta   90.00
_cell.angle_gamma   90.00
#
_symmetry.space_group_name_H-M   'C 2 2 21'
#
loop_
_entity.id
_entity.type
_entity.pdbx_description
1 polymer 'deoxycytidine kinase'
2 non-polymer "ADENOSINE-5'-DIPHOSPHATE"
3 non-polymer 4-AMINO-1-[(2R,5S)-2-(HYDROXYMETHYL)-1,3-OXATHIOLAN-5-YL]PYRIMIDIN-2(1H)-ONE
4 water water
#
_entity_poly.entity_id   1
_entity_poly.type   'polypeptide(L)'
_entity_poly.pdbx_seq_one_letter_code
;MGSSHHHHHHSSGLVPRGSHMATPPKRSSPSFSASSEGTRIKKISIEGNIAAGKSTFVNILKQLSEDWEVVPEPVARWSN
VQSTQDEFEELTMSQKNGGNVLQMMYEKPERWSFTFQTYACLSRIRAQLASLNGKLKDAEKPVLFFERSVYSDRYIFASN
LYESESMNETEWTIYQDWHDWMNNQFGQSLELDGIIYLQATPETCLHRIYLRGRNEEQGIPLEYLEKLHYKHESWLLHRT
LKTNFDYLQEVPILTLDVNEDFKDKYESLVEKVKEFLSTL
;
_entity_poly.pdbx_strand_id   A,B
#
loop_
_chem_comp.id
_chem_comp.type
_chem_comp.name
_chem_comp.formula
3TC non-polymer 4-AMINO-1-[(2R,5S)-2-(HYDROXYMETHYL)-1,3-OXATHIOLAN-5-YL]PYRIMIDIN-2(1H)-ONE 'C8 H11 N3 O3 S'
ADP non-polymer ADENOSINE-5'-DIPHOSPHATE 'C10 H15 N5 O10 P2'
#
# COMPACT_ATOMS: atom_id res chain seq x y z
N THR A 39 -3.14 -22.38 6.10
CA THR A 39 -4.27 -23.28 5.75
C THR A 39 -3.76 -24.69 5.44
N ARG A 40 -4.70 -25.59 5.13
CA ARG A 40 -4.35 -26.91 4.60
C ARG A 40 -3.99 -26.84 3.10
N ILE A 41 -4.23 -25.67 2.48
CA ILE A 41 -3.95 -25.45 1.06
C ILE A 41 -2.45 -25.34 0.89
N LYS A 42 -1.90 -26.15 -0.02
CA LYS A 42 -0.52 -26.06 -0.44
C LYS A 42 -0.32 -24.88 -1.42
N LYS A 43 0.63 -23.99 -1.11
CA LYS A 43 0.87 -22.83 -1.99
C LYS A 43 2.15 -23.01 -2.81
N ILE A 44 2.03 -22.96 -4.14
CA ILE A 44 3.17 -23.17 -5.03
C ILE A 44 3.26 -21.95 -5.90
N SER A 45 4.40 -21.29 -5.89
CA SER A 45 4.57 -20.19 -6.83
C SER A 45 5.20 -20.63 -8.18
N ILE A 46 4.68 -20.07 -9.27
CA ILE A 46 5.29 -20.28 -10.59
C ILE A 46 6.05 -18.99 -10.95
N GLU A 47 7.38 -19.13 -11.07
CA GLU A 47 8.28 -17.99 -11.31
C GLU A 47 8.96 -18.17 -12.67
N GLY A 48 9.39 -17.05 -13.26
CA GLY A 48 10.09 -17.06 -14.51
C GLY A 48 9.94 -15.74 -15.19
N ASN A 49 10.70 -15.55 -16.26
CA ASN A 49 10.75 -14.26 -16.92
C ASN A 49 9.42 -13.94 -17.63
N ILE A 50 9.32 -12.70 -18.12
CA ILE A 50 8.18 -12.20 -18.90
C ILE A 50 8.07 -13.08 -20.18
N ALA A 51 6.90 -13.69 -20.39
CA ALA A 51 6.60 -14.53 -21.56
C ALA A 51 7.36 -15.84 -21.58
N ALA A 52 7.88 -16.28 -20.42
CA ALA A 52 8.51 -17.59 -20.33
C ALA A 52 7.49 -18.71 -20.62
N GLY A 53 6.20 -18.48 -20.31
CA GLY A 53 5.13 -19.46 -20.60
C GLY A 53 4.41 -19.92 -19.36
N LYS A 54 4.42 -19.09 -18.30
CA LYS A 54 3.88 -19.47 -17.01
C LYS A 54 2.35 -19.62 -17.02
N SER A 55 1.65 -18.61 -17.53
CA SER A 55 0.19 -18.67 -17.61
C SER A 55 -0.26 -19.86 -18.44
N THR A 56 0.41 -20.05 -19.57
CA THR A 56 0.10 -21.15 -20.51
C THR A 56 0.22 -22.50 -19.85
N PHE A 57 1.39 -22.76 -19.27
CA PHE A 57 1.69 -24.00 -18.58
C PHE A 57 0.73 -24.28 -17.43
N VAL A 58 0.65 -23.33 -16.50
CA VAL A 58 -0.12 -23.55 -15.29
C VAL A 58 -1.62 -23.65 -15.58
N ASN A 59 -2.10 -22.94 -16.59
CA ASN A 59 -3.52 -23.03 -16.87
C ASN A 59 -3.91 -24.31 -17.60
N ILE A 60 -2.92 -24.99 -18.14
CA ILE A 60 -3.18 -26.31 -18.71
C ILE A 60 -3.01 -27.42 -17.63
N LEU A 61 -1.96 -27.27 -16.82
CA LEU A 61 -1.68 -28.14 -15.71
C LEU A 61 -2.82 -28.26 -14.69
N LYS A 62 -3.51 -27.15 -14.44
CA LYS A 62 -4.52 -27.13 -13.39
C LYS A 62 -5.74 -28.00 -13.74
N GLN A 63 -5.88 -28.35 -15.02
CA GLN A 63 -6.97 -29.23 -15.46
C GLN A 63 -6.79 -30.67 -14.97
N LEU A 64 -5.55 -30.99 -14.59
CA LEU A 64 -5.22 -32.35 -14.20
C LEU A 64 -5.87 -32.80 -12.89
N SER A 65 -6.33 -31.84 -12.11
CA SER A 65 -6.97 -32.10 -10.83
C SER A 65 -7.97 -31.01 -10.48
N GLU A 66 -9.15 -31.44 -10.03
CA GLU A 66 -10.14 -30.52 -9.48
C GLU A 66 -9.64 -29.86 -8.17
N ASP A 67 -8.58 -30.43 -7.56
CA ASP A 67 -7.96 -29.88 -6.33
C ASP A 67 -6.90 -28.80 -6.64
N TRP A 68 -6.65 -28.56 -7.92
CA TRP A 68 -5.66 -27.56 -8.36
C TRP A 68 -6.32 -26.31 -8.95
N GLU A 69 -5.91 -25.15 -8.45
CA GLU A 69 -6.40 -23.88 -8.92
C GLU A 69 -5.26 -22.88 -9.04
N VAL A 70 -5.51 -21.78 -9.73
CA VAL A 70 -4.44 -20.80 -10.02
C VAL A 70 -4.90 -19.41 -9.60
N VAL A 71 -3.98 -18.60 -9.06
CA VAL A 71 -4.15 -17.15 -8.91
C VAL A 71 -3.27 -16.45 -9.98
N PRO A 72 -3.90 -15.95 -11.04
CA PRO A 72 -3.17 -15.30 -12.14
C PRO A 72 -2.55 -14.00 -11.66
N GLU A 73 -1.52 -13.55 -12.35
CA GLU A 73 -0.90 -12.28 -12.06
C GLU A 73 -1.84 -11.15 -12.51
N PRO A 74 -2.02 -10.10 -11.68
CA PRO A 74 -3.06 -9.10 -12.04
C PRO A 74 -2.64 -8.07 -13.11
N VAL A 75 -1.98 -8.55 -14.17
CA VAL A 75 -1.46 -7.64 -15.20
C VAL A 75 -2.57 -6.80 -15.86
N ALA A 76 -3.78 -7.35 -16.02
CA ALA A 76 -4.85 -6.54 -16.59
C ALA A 76 -5.23 -5.34 -15.70
N ARG A 77 -5.13 -5.50 -14.38
CA ARG A 77 -5.39 -4.41 -13.45
C ARG A 77 -4.33 -3.28 -13.58
N TRP A 78 -3.18 -3.60 -14.15
CA TRP A 78 -2.07 -2.63 -14.26
C TRP A 78 -2.12 -1.86 -15.54
N SER A 79 -2.65 -2.48 -16.59
CA SER A 79 -2.78 -1.80 -17.87
C SER A 79 -4.10 -1.02 -17.99
N ASN A 80 -4.97 -1.18 -17.00
CA ASN A 80 -6.28 -0.50 -16.94
C ASN A 80 -6.59 -0.28 -15.48
N VAL A 81 -6.21 0.89 -14.98
CA VAL A 81 -6.20 1.10 -13.54
C VAL A 81 -7.56 1.58 -13.06
N GLN A 82 -8.16 0.87 -12.10
CA GLN A 82 -9.55 1.12 -11.70
C GLN A 82 -9.64 0.91 -10.20
N SER A 83 -10.43 1.74 -9.54
CA SER A 83 -10.79 1.52 -8.15
C SER A 83 -12.30 1.35 -8.02
N THR A 84 -12.74 0.90 -6.85
CA THR A 84 -14.10 0.49 -6.69
C THR A 84 -15.07 1.68 -6.79
N GLN A 85 -16.16 1.47 -7.51
CA GLN A 85 -17.25 2.46 -7.59
C GLN A 85 -18.15 2.44 -6.35
N ASP A 86 -18.70 3.60 -5.98
CA ASP A 86 -19.74 3.70 -4.97
C ASP A 86 -20.95 2.86 -5.44
N GLU A 87 -21.72 2.31 -4.48
CA GLU A 87 -22.82 1.36 -4.80
C GLU A 87 -24.03 1.95 -5.56
N PHE A 88 -24.22 3.25 -5.45
CA PHE A 88 -25.28 3.89 -6.19
C PHE A 88 -24.72 4.39 -7.50
N GLU A 89 -23.53 4.97 -7.46
CA GLU A 89 -22.87 5.47 -8.67
C GLU A 89 -22.69 4.40 -9.74
N GLU A 90 -22.40 3.16 -9.34
CA GLU A 90 -22.19 2.08 -10.30
C GLU A 90 -23.47 1.68 -11.07
N LEU A 91 -24.63 2.04 -10.53
CA LEU A 91 -25.89 1.77 -11.25
C LEU A 91 -26.14 2.64 -12.48
N THR A 92 -25.52 3.82 -12.51
CA THR A 92 -25.75 4.78 -13.61
C THR A 92 -24.47 5.21 -14.37
N MET A 93 -23.29 4.86 -13.83
CA MET A 93 -22.02 5.19 -14.45
C MET A 93 -21.27 3.88 -14.72
N SER A 94 -20.74 3.78 -15.91
CA SER A 94 -19.87 2.69 -16.30
C SER A 94 -18.56 2.70 -15.49
N GLN A 95 -17.92 1.54 -15.36
CA GLN A 95 -16.55 1.52 -14.84
C GLN A 95 -15.62 1.86 -16.03
N LYS A 96 -15.06 3.07 -16.06
CA LYS A 96 -14.29 3.50 -17.25
C LYS A 96 -12.85 2.93 -17.30
N ASN A 97 -12.31 2.87 -18.51
CA ASN A 97 -10.87 2.59 -18.69
C ASN A 97 -10.03 3.64 -18.00
N GLY A 98 -9.20 3.19 -17.07
CA GLY A 98 -8.36 4.11 -16.35
C GLY A 98 -7.03 4.19 -17.04
N GLY A 99 -6.07 4.71 -16.30
CA GLY A 99 -4.71 4.89 -16.79
C GLY A 99 -4.02 3.55 -16.97
N ASN A 100 -2.90 3.59 -17.68
CA ASN A 100 -2.09 2.43 -17.91
C ASN A 100 -0.73 2.68 -17.20
N VAL A 101 -0.64 2.22 -15.95
CA VAL A 101 0.59 2.43 -15.18
C VAL A 101 1.69 1.48 -15.66
N LEU A 102 1.29 0.39 -16.30
CA LEU A 102 2.26 -0.52 -16.90
C LEU A 102 2.98 0.23 -18.02
N GLN A 103 2.24 0.83 -18.92
CA GLN A 103 2.83 1.68 -20.01
C GLN A 103 3.65 2.84 -19.43
N MET A 104 3.16 3.46 -18.36
CA MET A 104 3.84 4.63 -17.80
C MET A 104 5.20 4.20 -17.27
N MET A 105 5.26 3.05 -16.62
CA MET A 105 6.51 2.52 -16.11
C MET A 105 7.51 2.27 -17.25
N TYR A 106 7.06 1.63 -18.31
CA TYR A 106 7.93 1.40 -19.47
C TYR A 106 8.38 2.67 -20.21
N GLU A 107 7.49 3.64 -20.36
CA GLU A 107 7.81 4.91 -20.99
C GLU A 107 8.81 5.73 -20.19
N LYS A 108 8.64 5.74 -18.87
CA LYS A 108 9.51 6.54 -18.01
C LYS A 108 9.71 5.90 -16.65
N PRO A 109 10.60 4.89 -16.59
CA PRO A 109 10.82 4.07 -15.38
C PRO A 109 11.28 4.88 -14.21
N GLU A 110 12.12 5.89 -14.47
CA GLU A 110 12.71 6.70 -13.39
C GLU A 110 11.63 7.54 -12.70
N ARG A 111 10.52 7.80 -13.40
CA ARG A 111 9.38 8.51 -12.79
C ARG A 111 8.33 7.54 -12.14
N TRP A 112 8.03 6.44 -12.85
CA TRP A 112 6.84 5.60 -12.53
C TRP A 112 7.11 4.27 -11.87
N SER A 113 8.38 3.90 -11.71
CA SER A 113 8.74 2.59 -11.17
C SER A 113 8.19 2.36 -9.78
N PHE A 114 8.50 3.29 -8.86
CA PHE A 114 8.01 3.11 -7.49
C PHE A 114 6.47 2.92 -7.43
N THR A 115 5.73 3.78 -8.14
CA THR A 115 4.28 3.76 -8.20
C THR A 115 3.79 2.42 -8.75
N PHE A 116 4.35 2.01 -9.88
CA PHE A 116 4.00 0.70 -10.44
C PHE A 116 4.27 -0.44 -9.48
N GLN A 117 5.48 -0.51 -8.91
CA GLN A 117 5.87 -1.65 -8.07
C GLN A 117 4.99 -1.81 -6.81
N THR A 118 4.65 -0.67 -6.23
CA THR A 118 3.76 -0.56 -5.08
C THR A 118 2.36 -1.08 -5.45
N TYR A 119 1.77 -0.57 -6.53
CA TYR A 119 0.51 -1.13 -7.00
C TYR A 119 0.56 -2.62 -7.40
N ALA A 120 1.62 -3.04 -8.09
CA ALA A 120 1.77 -4.45 -8.52
C ALA A 120 1.66 -5.38 -7.32
N CYS A 121 2.42 -5.05 -6.29
CA CYS A 121 2.49 -5.85 -5.10
C CYS A 121 1.19 -5.83 -4.30
N LEU A 122 0.59 -4.65 -4.10
CA LEU A 122 -0.73 -4.55 -3.46
C LEU A 122 -1.82 -5.40 -4.18
N SER A 123 -1.89 -5.26 -5.50
CA SER A 123 -2.93 -5.98 -6.26
C SER A 123 -2.70 -7.49 -6.22
N ARG A 124 -1.43 -7.90 -6.25
CA ARG A 124 -1.09 -9.32 -6.04
C ARG A 124 -1.54 -9.85 -4.70
N ILE A 125 -1.09 -9.23 -3.61
CA ILE A 125 -1.47 -9.67 -2.27
C ILE A 125 -3.01 -9.76 -2.15
N ARG A 126 -3.70 -8.73 -2.64
CA ARG A 126 -5.17 -8.76 -2.61
C ARG A 126 -5.74 -10.03 -3.25
N ALA A 127 -5.27 -10.36 -4.46
CA ALA A 127 -5.77 -11.48 -5.24
C ALA A 127 -5.42 -12.82 -4.59
N GLN A 128 -4.19 -12.93 -4.10
CA GLN A 128 -3.74 -14.18 -3.46
C GLN A 128 -4.49 -14.48 -2.13
N LEU A 129 -4.61 -13.47 -1.27
CA LEU A 129 -5.35 -13.61 0.01
C LEU A 129 -6.80 -14.01 -0.23
N ALA A 130 -7.45 -13.31 -1.16
CA ALA A 130 -8.86 -13.61 -1.46
C ALA A 130 -9.05 -15.04 -1.92
N SER A 131 -8.17 -15.52 -2.81
CA SER A 131 -8.21 -16.88 -3.24
C SER A 131 -7.90 -17.93 -2.16
N LEU A 132 -7.04 -17.59 -1.20
CA LEU A 132 -6.76 -18.48 -0.07
C LEU A 132 -7.99 -18.70 0.80
N ASN A 133 -8.73 -17.60 1.05
CA ASN A 133 -9.89 -17.59 1.93
C ASN A 133 -11.20 -17.86 1.18
N GLY A 134 -11.15 -18.62 0.09
CA GLY A 134 -12.32 -18.73 -0.74
C GLY A 134 -12.36 -19.86 -1.75
N LYS A 135 -11.21 -20.28 -2.24
CA LYS A 135 -11.16 -21.37 -3.21
C LYS A 135 -10.88 -22.70 -2.50
N LEU A 136 -11.10 -23.80 -3.21
CA LEU A 136 -10.62 -25.12 -2.78
C LEU A 136 -11.15 -25.49 -1.39
N LYS A 137 -12.28 -24.87 -1.02
CA LYS A 137 -12.98 -25.21 0.21
C LYS A 137 -13.51 -26.62 -0.01
N ASP A 138 -13.19 -27.52 0.91
CA ASP A 138 -13.45 -28.95 0.71
C ASP A 138 -12.92 -29.47 -0.65
N ALA A 139 -11.60 -29.48 -0.77
CA ALA A 139 -10.89 -30.28 -1.78
C ALA A 139 -10.07 -31.31 -1.00
N GLU A 140 -9.73 -32.42 -1.62
CA GLU A 140 -9.05 -33.50 -0.91
C GLU A 140 -7.60 -33.10 -0.62
N LYS A 141 -6.90 -32.65 -1.66
CA LYS A 141 -5.49 -32.32 -1.53
C LYS A 141 -5.28 -31.01 -2.31
N PRO A 142 -5.65 -29.88 -1.68
CA PRO A 142 -5.73 -28.64 -2.43
C PRO A 142 -4.36 -28.04 -2.65
N VAL A 143 -4.15 -27.56 -3.86
CA VAL A 143 -2.91 -26.91 -4.26
C VAL A 143 -3.30 -25.64 -5.02
N LEU A 144 -2.84 -24.49 -4.53
CA LEU A 144 -3.03 -23.20 -5.16
C LEU A 144 -1.69 -22.75 -5.76
N PHE A 145 -1.72 -22.55 -7.08
CA PHE A 145 -0.57 -22.12 -7.81
C PHE A 145 -0.65 -20.61 -8.01
N PHE A 146 0.37 -19.93 -7.56
CA PHE A 146 0.42 -18.49 -7.72
C PHE A 146 1.26 -18.19 -8.97
N GLU A 147 0.73 -17.33 -9.85
CA GLU A 147 1.57 -16.76 -10.93
C GLU A 147 2.44 -15.64 -10.33
N ARG A 148 3.69 -15.99 -10.04
CA ARG A 148 4.68 -15.15 -9.35
C ARG A 148 4.23 -14.89 -7.91
N SER A 149 5.09 -14.22 -7.13
CA SER A 149 4.89 -14.08 -5.69
C SER A 149 5.30 -12.69 -5.30
N VAL A 150 5.02 -12.35 -4.04
CA VAL A 150 5.51 -11.08 -3.56
C VAL A 150 7.03 -11.03 -3.45
N TYR A 151 7.65 -12.21 -3.39
CA TYR A 151 9.12 -12.28 -3.34
C TYR A 151 9.73 -11.86 -4.67
N SER A 152 9.19 -12.39 -5.77
CA SER A 152 9.64 -11.92 -7.08
C SER A 152 9.34 -10.46 -7.33
N ASP A 153 8.24 -9.92 -6.80
CA ASP A 153 7.94 -8.50 -6.96
C ASP A 153 9.12 -7.67 -6.42
N ARG A 154 9.56 -8.02 -5.22
CA ARG A 154 10.63 -7.26 -4.53
C ARG A 154 12.04 -7.56 -5.01
N TYR A 155 12.37 -8.84 -5.14
CA TYR A 155 13.77 -9.27 -5.29
C TYR A 155 14.18 -9.48 -6.76
N ILE A 156 13.20 -9.56 -7.64
CA ILE A 156 13.46 -9.56 -9.06
C ILE A 156 13.19 -8.18 -9.61
N PHE A 157 11.91 -7.82 -9.69
CA PHE A 157 11.48 -6.65 -10.42
C PHE A 157 11.86 -5.33 -9.78
N ALA A 158 11.45 -5.12 -8.52
CA ALA A 158 11.70 -3.83 -7.89
C ALA A 158 13.21 -3.63 -7.70
N SER A 159 13.85 -4.68 -7.22
CA SER A 159 15.27 -4.69 -7.03
C SER A 159 16.02 -4.35 -8.33
N ASN A 160 15.61 -4.95 -9.45
CA ASN A 160 16.20 -4.56 -10.77
C ASN A 160 16.05 -3.07 -11.11
N LEU A 161 14.88 -2.50 -10.82
CA LEU A 161 14.66 -1.09 -11.05
C LEU A 161 15.53 -0.20 -10.21
N TYR A 162 15.69 -0.56 -8.95
CA TYR A 162 16.58 0.16 -8.06
C TYR A 162 18.03 0.09 -8.55
N GLU A 163 18.44 -1.11 -8.93
CA GLU A 163 19.78 -1.31 -9.45
C GLU A 163 20.02 -0.59 -10.78
N SER A 164 18.96 -0.27 -11.53
CA SER A 164 19.10 0.45 -12.80
C SER A 164 18.90 1.95 -12.63
N GLU A 165 18.85 2.42 -11.38
CA GLU A 165 18.60 3.83 -11.04
C GLU A 165 17.22 4.32 -11.48
N SER A 166 16.26 3.42 -11.53
CA SER A 166 14.90 3.81 -11.84
C SER A 166 14.08 4.08 -10.56
N MET A 167 14.61 3.65 -9.41
CA MET A 167 14.16 4.04 -8.09
C MET A 167 15.36 4.61 -7.37
N ASN A 168 15.15 5.74 -6.67
CA ASN A 168 16.19 6.32 -5.86
C ASN A 168 16.17 5.70 -4.46
N GLU A 169 17.12 6.11 -3.60
CA GLU A 169 17.28 5.49 -2.28
C GLU A 169 16.03 5.62 -1.40
N THR A 170 15.41 6.80 -1.44
CA THR A 170 14.18 7.12 -0.71
C THR A 170 13.03 6.17 -1.17
N GLU A 171 12.90 6.04 -2.48
CA GLU A 171 11.85 5.19 -3.05
C GLU A 171 12.08 3.75 -2.67
N TRP A 172 13.33 3.31 -2.75
CA TRP A 172 13.67 1.94 -2.48
C TRP A 172 13.50 1.63 -0.99
N THR A 173 13.87 2.57 -0.13
CA THR A 173 13.65 2.44 1.31
C THR A 173 12.17 2.36 1.70
N ILE A 174 11.38 3.28 1.18
CA ILE A 174 9.92 3.25 1.35
C ILE A 174 9.31 1.89 0.91
N TYR A 175 9.64 1.45 -0.31
CA TYR A 175 9.11 0.21 -0.87
C TYR A 175 9.47 -0.99 0.01
N GLN A 176 10.73 -1.13 0.39
CA GLN A 176 11.15 -2.23 1.22
C GLN A 176 10.45 -2.23 2.58
N ASP A 177 10.27 -1.03 3.12
CA ASP A 177 9.64 -0.85 4.44
C ASP A 177 8.18 -1.28 4.38
N TRP A 178 7.46 -0.83 3.35
CA TRP A 178 6.08 -1.22 3.12
C TRP A 178 5.96 -2.73 2.91
N HIS A 179 6.79 -3.30 2.04
CA HIS A 179 6.84 -4.74 1.76
C HIS A 179 7.09 -5.60 3.02
N ASP A 180 8.10 -5.22 3.80
CA ASP A 180 8.40 -5.84 5.11
C ASP A 180 7.22 -5.83 6.06
N TRP A 181 6.57 -4.68 6.18
CA TRP A 181 5.48 -4.54 7.11
C TRP A 181 4.32 -5.44 6.70
N MET A 182 3.93 -5.41 5.44
CA MET A 182 2.86 -6.27 4.95
C MET A 182 3.09 -7.76 5.16
N ASN A 183 4.30 -8.23 4.95
CA ASN A 183 4.62 -9.63 5.23
C ASN A 183 4.59 -10.00 6.70
N ASN A 184 5.07 -9.10 7.56
CA ASN A 184 4.94 -9.28 9.01
C ASN A 184 3.47 -9.48 9.38
N GLN A 185 2.60 -8.70 8.75
CA GLN A 185 1.18 -8.68 9.10
C GLN A 185 0.51 -10.04 8.93
N PHE A 186 0.71 -10.65 7.77
CA PHE A 186 0.04 -11.88 7.42
C PHE A 186 0.67 -13.11 8.03
N GLY A 187 1.84 -12.94 8.65
CA GLY A 187 2.55 -14.08 9.23
C GLY A 187 2.68 -15.16 8.16
N GLN A 188 2.14 -16.34 8.43
CA GLN A 188 2.34 -17.49 7.52
C GLN A 188 1.34 -17.61 6.37
N SER A 189 0.37 -16.69 6.28
CA SER A 189 -0.75 -16.79 5.31
C SER A 189 -0.29 -17.19 3.92
N LEU A 190 0.59 -16.35 3.37
CA LEU A 190 1.07 -16.46 1.98
C LEU A 190 2.33 -17.27 1.81
N GLU A 191 2.87 -17.80 2.91
CA GLU A 191 4.11 -18.57 2.84
C GLU A 191 4.01 -19.73 1.85
N LEU A 192 5.05 -19.87 1.04
CA LEU A 192 5.14 -20.86 -0.01
C LEU A 192 5.62 -22.19 0.51
N ASP A 193 5.00 -23.24 -0.01
CA ASP A 193 5.44 -24.62 0.21
C ASP A 193 6.43 -25.10 -0.87
N GLY A 194 6.57 -24.33 -1.96
CA GLY A 194 7.35 -24.81 -3.10
C GLY A 194 7.32 -23.77 -4.18
N ILE A 195 8.35 -23.80 -5.02
CA ILE A 195 8.48 -22.89 -6.14
C ILE A 195 8.74 -23.75 -7.41
N ILE A 196 8.03 -23.43 -8.48
CA ILE A 196 8.34 -23.98 -9.79
C ILE A 196 8.94 -22.87 -10.67
N TYR A 197 10.21 -23.07 -11.03
CA TYR A 197 10.90 -22.11 -11.86
C TYR A 197 10.90 -22.56 -13.34
N LEU A 198 10.18 -21.82 -14.19
CA LEU A 198 10.13 -22.06 -15.66
C LEU A 198 11.23 -21.26 -16.33
N GLN A 199 12.29 -21.96 -16.68
CA GLN A 199 13.49 -21.34 -17.17
C GLN A 199 13.47 -21.27 -18.68
N ALA A 200 13.57 -20.07 -19.22
CA ALA A 200 13.60 -19.85 -20.67
C ALA A 200 14.68 -18.79 -20.89
N THR A 201 15.37 -18.84 -22.02
CA THR A 201 16.41 -17.85 -22.33
C THR A 201 15.77 -16.51 -22.59
N PRO A 202 16.53 -15.40 -22.37
CA PRO A 202 16.02 -14.07 -22.71
C PRO A 202 15.57 -14.03 -24.19
N GLU A 203 16.33 -14.65 -25.09
CA GLU A 203 15.93 -14.70 -26.48
C GLU A 203 14.58 -15.33 -26.75
N THR A 204 14.32 -16.44 -26.05
CA THR A 204 13.04 -17.14 -26.08
C THR A 204 11.95 -16.24 -25.55
N CYS A 205 12.20 -15.60 -24.41
CA CYS A 205 11.21 -14.69 -23.86
C CYS A 205 10.88 -13.57 -24.82
N LEU A 206 11.92 -12.97 -25.39
CA LEU A 206 11.70 -11.90 -26.36
C LEU A 206 10.80 -12.34 -27.53
N HIS A 207 11.07 -13.53 -28.08
CA HIS A 207 10.24 -14.11 -29.14
C HIS A 207 8.81 -14.33 -28.66
N ARG A 208 8.66 -14.90 -27.46
CA ARG A 208 7.32 -15.09 -26.91
C ARG A 208 6.53 -13.82 -26.59
N ILE A 209 7.21 -12.74 -26.21
CA ILE A 209 6.56 -11.41 -26.13
C ILE A 209 5.94 -10.96 -27.45
N TYR A 210 6.66 -11.18 -28.53
CA TYR A 210 6.16 -10.86 -29.85
C TYR A 210 4.97 -11.75 -30.20
N LEU A 211 5.11 -13.03 -29.90
CA LEU A 211 3.99 -13.94 -30.16
C LEU A 211 2.74 -13.51 -29.45
N ARG A 212 2.87 -13.15 -28.18
CA ARG A 212 1.69 -12.86 -27.37
C ARG A 212 1.10 -11.52 -27.81
N GLY A 213 1.99 -10.59 -28.15
CA GLY A 213 1.62 -9.26 -28.64
C GLY A 213 0.87 -8.37 -27.64
N ARG A 214 1.19 -8.47 -26.36
CA ARG A 214 0.74 -7.44 -25.41
C ARG A 214 1.35 -6.09 -25.82
N ASN A 215 0.49 -5.11 -26.06
CA ASN A 215 0.90 -3.84 -26.61
C ASN A 215 2.03 -3.13 -25.87
N GLU A 216 1.94 -3.10 -24.54
CA GLU A 216 2.94 -2.37 -23.76
C GLU A 216 4.34 -3.00 -23.71
N GLU A 217 4.41 -4.25 -24.16
CA GLU A 217 5.65 -5.01 -24.08
C GLU A 217 6.44 -5.00 -25.36
N GLN A 218 5.86 -4.39 -26.40
CA GLN A 218 6.45 -4.51 -27.72
C GLN A 218 7.83 -3.83 -27.90
N GLY A 219 8.09 -2.82 -27.09
CA GLY A 219 9.40 -2.14 -27.12
C GLY A 219 10.43 -2.69 -26.15
N ILE A 220 10.12 -3.77 -25.45
CA ILE A 220 11.08 -4.32 -24.49
C ILE A 220 12.36 -4.85 -25.17
N PRO A 221 13.53 -4.33 -24.78
CA PRO A 221 14.79 -4.78 -25.37
C PRO A 221 15.35 -6.04 -24.72
N LEU A 222 16.14 -6.80 -25.49
CA LEU A 222 16.77 -7.99 -24.99
C LEU A 222 17.50 -7.76 -23.65
N GLU A 223 18.17 -6.63 -23.54
CA GLU A 223 18.97 -6.27 -22.37
C GLU A 223 18.18 -6.23 -21.08
N TYR A 224 16.94 -5.78 -21.16
CA TYR A 224 16.08 -5.75 -19.96
C TYR A 224 15.73 -7.17 -19.53
N LEU A 225 15.30 -8.01 -20.50
CA LEU A 225 15.01 -9.43 -20.27
C LEU A 225 16.24 -10.18 -19.70
N GLU A 226 17.41 -9.84 -20.17
CA GLU A 226 18.64 -10.41 -19.68
C GLU A 226 18.89 -10.07 -18.21
N LYS A 227 18.76 -8.80 -17.84
CA LYS A 227 18.93 -8.44 -16.43
C LYS A 227 17.92 -9.23 -15.55
N LEU A 228 16.67 -9.34 -16.00
CA LEU A 228 15.66 -10.10 -15.24
C LEU A 228 16.00 -11.56 -15.12
N HIS A 229 16.50 -12.10 -16.22
CA HIS A 229 16.95 -13.49 -16.26
C HIS A 229 18.01 -13.81 -15.19
N TYR A 230 19.01 -12.94 -15.09
CA TYR A 230 20.13 -13.12 -14.19
C TYR A 230 19.61 -13.07 -12.74
N LYS A 231 18.60 -12.24 -12.48
CA LYS A 231 17.99 -12.16 -11.14
C LYS A 231 17.28 -13.44 -10.79
N HIS A 232 16.54 -14.04 -11.73
CA HIS A 232 15.90 -15.33 -11.47
C HIS A 232 16.94 -16.42 -11.21
N GLU A 233 17.98 -16.45 -12.04
CA GLU A 233 19.02 -17.47 -11.90
C GLU A 233 19.70 -17.40 -10.54
N SER A 234 20.01 -16.20 -10.09
CA SER A 234 20.63 -16.00 -8.75
C SER A 234 19.71 -16.50 -7.64
N TRP A 235 18.40 -16.22 -7.77
CA TRP A 235 17.44 -16.51 -6.72
C TRP A 235 17.10 -18.00 -6.73
N LEU A 236 16.81 -18.55 -7.90
CA LEU A 236 16.17 -19.83 -7.99
C LEU A 236 17.05 -20.98 -8.41
N LEU A 237 18.13 -20.67 -9.12
CA LEU A 237 18.99 -21.73 -9.63
C LEU A 237 20.27 -21.87 -8.80
N HIS A 238 21.03 -20.79 -8.74
CA HIS A 238 22.26 -20.76 -7.95
C HIS A 238 21.97 -20.56 -6.47
N ARG A 239 20.79 -20.00 -6.20
CA ARG A 239 20.31 -19.75 -4.85
C ARG A 239 21.33 -18.95 -4.02
N THR A 240 21.92 -17.93 -4.63
CA THR A 240 22.85 -17.05 -3.93
C THR A 240 22.21 -15.74 -3.49
N LEU A 241 21.03 -15.44 -4.01
CA LEU A 241 20.39 -14.18 -3.70
C LEU A 241 19.77 -14.25 -2.30
N LYS A 242 20.20 -13.39 -1.39
CA LYS A 242 19.66 -13.36 -0.01
C LYS A 242 18.40 -12.49 0.13
N THR A 243 17.42 -12.99 0.88
CA THR A 243 16.16 -12.28 1.05
C THR A 243 15.93 -12.08 2.54
N ASN A 244 15.03 -11.18 2.88
CA ASN A 244 14.69 -10.92 4.25
C ASN A 244 13.79 -12.00 4.86
N PHE A 245 13.60 -13.12 4.16
CA PHE A 245 12.67 -14.15 4.63
C PHE A 245 13.38 -15.49 4.70
N ASP A 246 13.69 -15.93 5.93
CA ASP A 246 14.63 -17.04 6.14
C ASP A 246 14.21 -18.39 5.56
N TYR A 247 12.92 -18.68 5.63
CA TYR A 247 12.39 -19.97 5.15
C TYR A 247 12.61 -20.18 3.66
N LEU A 248 12.67 -19.08 2.91
CA LEU A 248 12.87 -19.17 1.47
C LEU A 248 14.14 -19.91 1.11
N GLN A 249 15.17 -19.74 1.93
CA GLN A 249 16.44 -20.40 1.65
C GLN A 249 16.28 -21.94 1.65
N GLU A 250 15.27 -22.45 2.35
CA GLU A 250 14.99 -23.89 2.43
C GLU A 250 13.86 -24.41 1.52
N VAL A 251 13.01 -23.51 1.02
CA VAL A 251 11.82 -23.89 0.23
C VAL A 251 12.26 -24.67 -1.02
N PRO A 252 11.59 -25.81 -1.27
CA PRO A 252 11.91 -26.68 -2.39
C PRO A 252 11.69 -25.98 -3.73
N ILE A 253 12.61 -26.16 -4.66
CA ILE A 253 12.45 -25.52 -5.97
C ILE A 253 12.56 -26.55 -7.09
N LEU A 254 11.57 -26.56 -7.99
CA LEU A 254 11.68 -27.35 -9.20
C LEU A 254 12.01 -26.42 -10.35
N THR A 255 13.06 -26.76 -11.09
CA THR A 255 13.45 -26.00 -12.28
C THR A 255 13.07 -26.76 -13.54
N LEU A 256 12.26 -26.13 -14.38
CA LEU A 256 11.85 -26.73 -15.67
C LEU A 256 12.36 -25.92 -16.85
N ASP A 257 13.02 -26.56 -17.81
CA ASP A 257 13.48 -25.81 -18.98
C ASP A 257 12.29 -25.76 -19.93
N VAL A 258 11.82 -24.55 -20.24
CA VAL A 258 10.62 -24.38 -21.08
C VAL A 258 10.92 -23.75 -22.44
N ASN A 259 12.18 -23.85 -22.87
CA ASN A 259 12.62 -23.30 -24.17
C ASN A 259 12.05 -24.01 -25.40
N GLU A 260 11.71 -25.29 -25.28
CA GLU A 260 11.17 -26.02 -26.44
C GLU A 260 9.72 -25.62 -26.72
N ASP A 261 9.32 -25.86 -27.96
CA ASP A 261 7.92 -25.81 -28.35
C ASP A 261 7.07 -26.67 -27.39
N PHE A 262 5.87 -26.20 -27.08
CA PHE A 262 5.00 -26.73 -26.01
C PHE A 262 4.76 -28.23 -25.99
N LYS A 263 4.48 -28.82 -27.16
CA LYS A 263 4.24 -30.26 -27.25
C LYS A 263 5.48 -31.09 -26.97
N ASP A 264 6.64 -30.49 -27.19
CA ASP A 264 7.87 -31.27 -27.18
C ASP A 264 8.28 -31.78 -25.78
N LYS A 265 7.93 -31.04 -24.73
CA LYS A 265 8.31 -31.42 -23.39
C LYS A 265 7.16 -31.58 -22.41
N TYR A 266 5.93 -31.20 -22.81
CA TYR A 266 4.86 -31.10 -21.84
C TYR A 266 4.70 -32.34 -20.96
N GLU A 267 4.76 -33.53 -21.56
CA GLU A 267 4.64 -34.80 -20.83
C GLU A 267 5.65 -34.91 -19.69
N SER A 268 6.92 -34.76 -20.05
CA SER A 268 8.03 -34.75 -19.12
C SER A 268 7.82 -33.75 -17.99
N LEU A 269 7.35 -32.54 -18.34
CA LEU A 269 7.09 -31.48 -17.33
C LEU A 269 5.99 -31.81 -16.33
N VAL A 270 4.85 -32.31 -16.81
CA VAL A 270 3.76 -32.77 -15.98
C VAL A 270 4.26 -33.84 -14.99
N GLU A 271 4.94 -34.88 -15.50
CA GLU A 271 5.59 -35.90 -14.67
C GLU A 271 6.47 -35.30 -13.54
N LYS A 272 7.32 -34.34 -13.90
CA LYS A 272 8.21 -33.71 -12.90
C LYS A 272 7.42 -32.92 -11.88
N VAL A 273 6.33 -32.27 -12.31
CA VAL A 273 5.53 -31.51 -11.35
C VAL A 273 4.80 -32.44 -10.37
N LYS A 274 4.21 -33.52 -10.89
CA LYS A 274 3.51 -34.48 -10.03
C LYS A 274 4.47 -35.11 -8.97
N GLU A 275 5.66 -35.49 -9.41
CA GLU A 275 6.72 -35.98 -8.53
C GLU A 275 7.05 -34.94 -7.45
N PHE A 276 7.30 -33.70 -7.86
CA PHE A 276 7.65 -32.63 -6.94
C PHE A 276 6.61 -32.39 -5.87
N LEU A 277 5.35 -32.29 -6.30
CA LEU A 277 4.26 -32.01 -5.38
C LEU A 277 4.09 -33.08 -4.31
N SER A 278 4.35 -34.34 -4.69
CA SER A 278 4.25 -35.46 -3.75
C SER A 278 5.38 -35.49 -2.74
N THR A 279 6.41 -34.68 -2.97
CA THR A 279 7.51 -34.52 -2.00
C THR A 279 7.27 -33.43 -0.96
N LEU A 280 6.24 -32.60 -1.15
CA LEU A 280 6.01 -31.47 -0.24
C LEU A 280 5.25 -31.84 1.04
N ARG B 40 -12.02 -2.39 22.14
CA ARG B 40 -12.01 -2.15 23.64
C ARG B 40 -11.54 -0.76 24.06
N ILE B 41 -10.42 -0.33 23.49
CA ILE B 41 -9.86 1.00 23.70
C ILE B 41 -10.72 1.98 22.91
N LYS B 42 -11.03 3.13 23.48
CA LYS B 42 -11.75 4.15 22.73
C LYS B 42 -10.72 4.89 21.88
N LYS B 43 -11.04 5.09 20.61
CA LYS B 43 -10.11 5.74 19.72
C LYS B 43 -10.69 7.08 19.31
N ILE B 44 -9.94 8.13 19.61
CA ILE B 44 -10.39 9.48 19.34
C ILE B 44 -9.35 10.12 18.42
N SER B 45 -9.76 10.61 17.26
CA SER B 45 -8.81 11.33 16.42
C SER B 45 -8.90 12.82 16.69
N ILE B 46 -7.74 13.45 16.77
CA ILE B 46 -7.58 14.90 16.85
C ILE B 46 -7.28 15.42 15.43
N GLU B 47 -8.17 16.26 14.88
CA GLU B 47 -8.04 16.78 13.54
C GLU B 47 -7.95 18.29 13.54
N GLY B 48 -7.41 18.84 12.46
CA GLY B 48 -7.24 20.27 12.35
C GLY B 48 -6.03 20.57 11.50
N ASN B 49 -5.91 21.83 11.14
CA ASN B 49 -4.96 22.23 10.14
C ASN B 49 -3.53 22.11 10.67
N ILE B 50 -2.59 22.25 9.75
CA ILE B 50 -1.16 22.29 10.06
C ILE B 50 -0.91 23.37 11.16
N ALA B 51 -0.29 22.99 12.28
CA ALA B 51 0.05 23.92 13.40
C ALA B 51 -1.15 24.54 14.10
N ALA B 52 -2.33 23.92 14.03
CA ALA B 52 -3.48 24.38 14.78
C ALA B 52 -3.19 24.23 16.30
N GLY B 53 -2.42 23.22 16.66
CA GLY B 53 -1.99 23.01 18.05
C GLY B 53 -2.42 21.66 18.56
N LYS B 54 -2.51 20.66 17.65
CA LYS B 54 -3.02 19.31 17.95
C LYS B 54 -2.05 18.53 18.87
N SER B 55 -0.77 18.55 18.54
CA SER B 55 0.26 17.90 19.36
C SER B 55 0.31 18.51 20.78
N THR B 56 0.30 19.83 20.84
CA THR B 56 0.34 20.54 22.11
C THR B 56 -0.82 20.08 22.96
N PHE B 57 -2.04 20.21 22.43
CA PHE B 57 -3.26 19.90 23.15
C PHE B 57 -3.32 18.46 23.66
N VAL B 58 -3.03 17.50 22.79
CA VAL B 58 -3.15 16.14 23.17
C VAL B 58 -2.06 15.74 24.18
N ASN B 59 -0.88 16.34 24.06
CA ASN B 59 0.17 16.09 25.05
C ASN B 59 -0.12 16.64 26.47
N ILE B 60 -0.88 17.73 26.54
CA ILE B 60 -1.53 18.24 27.77
C ILE B 60 -2.60 17.28 28.30
N LEU B 61 -3.53 16.96 27.42
CA LEU B 61 -4.71 16.21 27.73
C LEU B 61 -4.32 14.85 28.32
N LYS B 62 -3.29 14.26 27.78
CA LYS B 62 -2.96 12.92 28.17
C LYS B 62 -2.42 12.74 29.61
N GLN B 63 -2.01 13.83 30.24
CA GLN B 63 -1.48 13.76 31.60
C GLN B 63 -2.64 13.65 32.60
N LEU B 64 -3.86 13.91 32.11
CA LEU B 64 -5.05 13.87 32.97
C LEU B 64 -5.36 12.50 33.52
N SER B 65 -4.86 11.45 32.87
CA SER B 65 -5.27 10.11 33.20
C SER B 65 -4.23 9.13 32.75
N GLU B 66 -3.88 8.20 33.64
CA GLU B 66 -3.04 7.06 33.25
C GLU B 66 -3.72 6.19 32.18
N ASP B 67 -5.03 6.35 31.99
CA ASP B 67 -5.79 5.52 31.05
C ASP B 67 -5.71 6.05 29.61
N TRP B 68 -5.04 7.20 29.45
CA TRP B 68 -5.05 7.96 28.19
C TRP B 68 -3.66 8.01 27.58
N GLU B 69 -3.55 7.56 26.31
CA GLU B 69 -2.31 7.59 25.53
C GLU B 69 -2.52 8.26 24.15
N VAL B 70 -1.41 8.74 23.58
CA VAL B 70 -1.41 9.43 22.28
C VAL B 70 -0.62 8.61 21.25
N VAL B 71 -1.08 8.62 20.00
CA VAL B 71 -0.29 8.19 18.84
C VAL B 71 0.01 9.43 17.99
N PRO B 72 1.25 9.92 18.07
CA PRO B 72 1.75 11.13 17.42
C PRO B 72 1.76 10.89 15.90
N GLU B 73 1.51 11.93 15.14
CA GLU B 73 1.63 11.84 13.70
C GLU B 73 3.12 11.65 13.41
N PRO B 74 3.48 10.65 12.58
CA PRO B 74 4.87 10.22 12.38
C PRO B 74 5.75 11.17 11.54
N VAL B 75 5.60 12.48 11.69
CA VAL B 75 6.27 13.51 10.90
C VAL B 75 7.82 13.37 10.87
N ALA B 76 8.40 12.97 12.01
CA ALA B 76 9.85 12.77 12.09
C ALA B 76 10.30 11.65 11.16
N ARG B 77 9.45 10.63 10.99
CA ARG B 77 9.76 9.54 10.07
C ARG B 77 9.57 9.96 8.61
N TRP B 78 8.94 11.10 8.40
CA TRP B 78 8.79 11.62 7.04
C TRP B 78 9.93 12.55 6.65
N SER B 79 10.56 13.13 7.66
CA SER B 79 11.69 14.02 7.54
C SER B 79 12.99 13.26 7.33
N ASN B 80 12.96 11.99 7.67
CA ASN B 80 14.15 11.15 7.66
C ASN B 80 13.73 9.73 7.40
N VAL B 81 13.63 9.41 6.12
CA VAL B 81 13.11 8.14 5.69
C VAL B 81 14.08 7.03 6.05
N GLN B 82 13.65 6.09 6.90
CA GLN B 82 14.53 5.01 7.31
C GLN B 82 13.78 3.71 7.54
N GLY B 98 19.03 9.45 5.74
CA GLY B 98 17.70 9.18 5.16
C GLY B 98 17.14 10.33 4.34
N GLY B 99 16.41 10.02 3.28
CA GLY B 99 15.76 11.06 2.47
C GLY B 99 14.67 11.85 3.21
N ASN B 100 14.50 13.09 2.84
CA ASN B 100 13.44 13.91 3.39
C ASN B 100 12.29 13.92 2.42
N VAL B 101 11.41 12.91 2.55
CA VAL B 101 10.27 12.80 1.64
C VAL B 101 9.28 13.92 1.87
N LEU B 102 9.26 14.46 3.10
CA LEU B 102 8.41 15.61 3.39
C LEU B 102 8.85 16.82 2.57
N GLN B 103 10.14 17.10 2.63
CA GLN B 103 10.74 18.16 1.82
C GLN B 103 10.52 17.94 0.29
N MET B 104 10.80 16.73 -0.21
CA MET B 104 10.61 16.42 -1.64
C MET B 104 9.19 16.74 -2.08
N MET B 105 8.20 16.43 -1.25
CA MET B 105 6.83 16.72 -1.60
C MET B 105 6.52 18.21 -1.64
N TYR B 106 7.04 18.98 -0.68
CA TYR B 106 6.84 20.43 -0.71
C TYR B 106 7.52 21.11 -1.91
N GLU B 107 8.76 20.67 -2.18
CA GLU B 107 9.59 21.16 -3.29
C GLU B 107 8.99 20.81 -4.64
N LYS B 108 8.63 19.54 -4.83
CA LYS B 108 8.26 19.06 -6.16
C LYS B 108 6.98 18.25 -6.08
N PRO B 109 5.85 18.90 -5.76
CA PRO B 109 4.67 18.12 -5.48
C PRO B 109 4.09 17.29 -6.64
N GLU B 110 4.33 17.68 -7.88
CA GLU B 110 3.85 16.88 -9.03
C GLU B 110 4.62 15.57 -9.12
N ARG B 111 5.85 15.59 -8.65
CA ARG B 111 6.71 14.40 -8.67
C ARG B 111 6.50 13.46 -7.45
N TRP B 112 6.34 14.07 -6.28
CA TRP B 112 6.48 13.35 -5.00
C TRP B 112 5.24 13.21 -4.14
N SER B 113 4.14 13.83 -4.51
CA SER B 113 2.92 13.82 -3.69
C SER B 113 2.38 12.41 -3.47
N PHE B 114 2.35 11.59 -4.52
CA PHE B 114 1.82 10.24 -4.36
C PHE B 114 2.69 9.40 -3.47
N THR B 115 4.01 9.46 -3.67
CA THR B 115 4.98 8.76 -2.83
C THR B 115 4.86 9.20 -1.37
N PHE B 116 4.87 10.51 -1.16
CA PHE B 116 4.64 11.04 0.19
C PHE B 116 3.35 10.49 0.81
N GLN B 117 2.22 10.64 0.10
CA GLN B 117 0.91 10.31 0.65
C GLN B 117 0.79 8.85 1.03
N THR B 118 1.34 7.98 0.20
CA THR B 118 1.36 6.56 0.48
C THR B 118 2.17 6.27 1.72
N TYR B 119 3.36 6.86 1.81
CA TYR B 119 4.21 6.61 2.97
C TYR B 119 3.62 7.15 4.28
N ALA B 120 3.02 8.36 4.20
CA ALA B 120 2.36 9.01 5.33
C ALA B 120 1.32 8.09 5.92
N CYS B 121 0.44 7.61 5.04
CA CYS B 121 -0.66 6.81 5.47
C CYS B 121 -0.16 5.46 6.02
N LEU B 122 0.80 4.83 5.34
CA LEU B 122 1.34 3.55 5.83
C LEU B 122 1.97 3.74 7.24
N SER B 123 2.71 4.81 7.41
CA SER B 123 3.42 5.05 8.67
C SER B 123 2.42 5.31 9.82
N ARG B 124 1.30 5.94 9.51
CA ARG B 124 0.21 6.18 10.47
C ARG B 124 -0.46 4.87 10.86
N ILE B 125 -0.88 4.08 9.88
CA ILE B 125 -1.45 2.75 10.18
C ILE B 125 -0.55 1.90 11.05
N ARG B 126 0.73 1.87 10.71
CA ARG B 126 1.71 1.11 11.44
C ARG B 126 1.72 1.54 12.91
N ALA B 127 1.85 2.83 13.15
CA ALA B 127 1.92 3.38 14.50
C ALA B 127 0.63 3.19 15.26
N GLN B 128 -0.53 3.44 14.62
CA GLN B 128 -1.81 3.30 15.29
C GLN B 128 -2.06 1.87 15.70
N LEU B 129 -1.74 0.92 14.80
CA LEU B 129 -1.93 -0.50 15.11
C LEU B 129 -0.98 -0.94 16.21
N ALA B 130 0.25 -0.41 16.19
CA ALA B 130 1.26 -0.78 17.19
C ALA B 130 0.81 -0.34 18.59
N SER B 131 0.15 0.81 18.65
CA SER B 131 -0.32 1.37 19.92
C SER B 131 -1.51 0.60 20.53
N LEU B 132 -2.36 0.01 19.71
CA LEU B 132 -3.47 -0.79 20.20
C LEU B 132 -3.00 -2.08 20.87
N ASN B 133 -1.86 -2.62 20.45
CA ASN B 133 -1.33 -3.89 20.97
C ASN B 133 -0.68 -3.78 22.33
N GLY B 134 -0.14 -2.62 22.68
CA GLY B 134 0.53 -2.47 23.96
C GLY B 134 0.37 -1.10 24.56
N ASP B 138 -5.74 -3.86 29.51
CA ASP B 138 -5.37 -3.83 30.92
C ASP B 138 -5.44 -2.42 31.54
N ALA B 139 -6.56 -1.72 31.31
CA ALA B 139 -6.82 -0.44 31.97
C ALA B 139 -8.33 -0.25 32.14
N GLU B 140 -8.74 0.57 33.11
CA GLU B 140 -10.16 0.78 33.43
C GLU B 140 -10.94 1.26 32.19
N LYS B 141 -10.75 2.53 31.84
CA LYS B 141 -11.36 3.10 30.66
C LYS B 141 -10.26 3.65 29.72
N PRO B 142 -9.64 2.76 28.93
CA PRO B 142 -8.55 3.25 28.07
C PRO B 142 -9.01 4.13 26.89
N VAL B 143 -8.30 5.23 26.69
CA VAL B 143 -8.55 6.11 25.55
C VAL B 143 -7.22 6.32 24.82
N LEU B 144 -7.25 6.14 23.51
CA LEU B 144 -6.10 6.41 22.69
C LEU B 144 -6.45 7.59 21.77
N PHE B 145 -5.62 8.61 21.82
CA PHE B 145 -5.83 9.77 21.00
C PHE B 145 -4.89 9.64 19.81
N PHE B 146 -5.46 9.55 18.61
CA PHE B 146 -4.71 9.62 17.36
C PHE B 146 -4.47 11.05 16.90
N GLU B 147 -3.22 11.44 16.63
CA GLU B 147 -2.99 12.71 15.89
C GLU B 147 -3.31 12.48 14.43
N ARG B 148 -4.47 12.99 13.98
CA ARG B 148 -5.05 12.73 12.64
C ARG B 148 -5.39 11.25 12.43
N SER B 149 -5.92 10.94 11.26
CA SER B 149 -6.47 9.62 11.00
C SER B 149 -6.19 9.28 9.53
N VAL B 150 -6.48 8.04 9.16
CA VAL B 150 -6.36 7.66 7.75
C VAL B 150 -7.40 8.36 6.89
N TYR B 151 -8.45 8.91 7.50
CA TYR B 151 -9.49 9.60 6.76
C TYR B 151 -9.05 10.99 6.36
N SER B 152 -8.34 11.68 7.26
CA SER B 152 -7.75 12.97 6.88
C SER B 152 -6.62 12.78 5.86
N ASP B 153 -5.84 11.71 6.00
CA ASP B 153 -4.87 11.39 4.99
C ASP B 153 -5.48 11.43 3.60
N ARG B 154 -6.62 10.77 3.43
CA ARG B 154 -7.20 10.56 2.12
C ARG B 154 -8.12 11.69 1.72
N TYR B 155 -9.08 12.02 2.59
CA TYR B 155 -10.15 12.92 2.23
C TYR B 155 -9.81 14.41 2.35
N ILE B 156 -8.70 14.70 3.04
CA ILE B 156 -8.17 16.07 3.14
C ILE B 156 -6.93 16.25 2.33
N PHE B 157 -5.83 15.61 2.75
CA PHE B 157 -4.52 15.86 2.16
C PHE B 157 -4.35 15.28 0.76
N ALA B 158 -4.53 13.97 0.60
CA ALA B 158 -4.42 13.36 -0.72
C ALA B 158 -5.39 14.01 -1.70
N SER B 159 -6.63 14.16 -1.28
CA SER B 159 -7.67 14.74 -2.07
C SER B 159 -7.30 16.14 -2.55
N ASN B 160 -6.75 16.96 -1.64
CA ASN B 160 -6.37 18.32 -2.01
C ASN B 160 -5.26 18.33 -3.05
N LEU B 161 -4.33 17.38 -2.94
CA LEU B 161 -3.25 17.25 -3.92
C LEU B 161 -3.77 16.88 -5.33
N TYR B 162 -4.78 16.04 -5.37
CA TYR B 162 -5.40 15.64 -6.61
C TYR B 162 -6.15 16.81 -7.23
N GLU B 163 -6.89 17.54 -6.38
CA GLU B 163 -7.61 18.75 -6.78
C GLU B 163 -6.69 19.85 -7.32
N SER B 164 -5.44 19.87 -6.83
CA SER B 164 -4.42 20.81 -7.25
C SER B 164 -3.61 20.30 -8.41
N GLU B 165 -3.92 19.11 -8.89
CA GLU B 165 -3.19 18.48 -10.01
C GLU B 165 -1.74 18.10 -9.66
N SER B 166 -1.47 17.91 -8.37
CA SER B 166 -0.19 17.41 -7.90
C SER B 166 -0.14 15.91 -7.91
N MET B 167 -1.30 15.27 -8.02
CA MET B 167 -1.40 13.83 -8.39
C MET B 167 -2.24 13.72 -9.62
N ASN B 168 -1.88 12.84 -10.55
CA ASN B 168 -2.71 12.71 -11.75
C ASN B 168 -3.82 11.67 -11.57
N GLU B 169 -4.67 11.47 -12.58
CA GLU B 169 -5.84 10.58 -12.41
C GLU B 169 -5.40 9.15 -12.05
N THR B 170 -4.36 8.66 -12.72
CA THR B 170 -3.78 7.34 -12.40
C THR B 170 -3.28 7.24 -10.95
N GLU B 171 -2.51 8.24 -10.50
CA GLU B 171 -1.96 8.24 -9.14
C GLU B 171 -3.09 8.27 -8.11
N TRP B 172 -4.12 9.07 -8.39
CA TRP B 172 -5.25 9.19 -7.45
C TRP B 172 -6.08 7.92 -7.39
N THR B 173 -6.25 7.27 -8.54
CA THR B 173 -6.92 5.96 -8.58
C THR B 173 -6.17 4.85 -7.80
N ILE B 174 -4.86 4.76 -8.03
CA ILE B 174 -4.00 3.85 -7.31
C ILE B 174 -4.07 4.14 -5.81
N TYR B 175 -3.92 5.41 -5.44
CA TYR B 175 -3.96 5.78 -4.01
C TYR B 175 -5.27 5.29 -3.35
N GLN B 176 -6.41 5.59 -3.98
CA GLN B 176 -7.71 5.21 -3.46
C GLN B 176 -7.86 3.69 -3.35
N ASP B 177 -7.38 2.94 -4.34
CA ASP B 177 -7.48 1.48 -4.35
C ASP B 177 -6.60 0.92 -3.22
N TRP B 178 -5.40 1.48 -3.08
CA TRP B 178 -4.46 1.12 -2.02
C TRP B 178 -5.09 1.41 -0.65
N HIS B 179 -5.58 2.64 -0.49
CA HIS B 179 -6.27 3.01 0.75
C HIS B 179 -7.49 2.14 1.10
N ASP B 180 -8.35 1.87 0.10
CA ASP B 180 -9.49 0.95 0.27
C ASP B 180 -9.05 -0.43 0.80
N TRP B 181 -8.06 -1.02 0.15
CA TRP B 181 -7.63 -2.36 0.56
C TRP B 181 -6.88 -2.35 1.91
N MET B 182 -5.99 -1.37 2.06
CA MET B 182 -5.15 -1.26 3.24
C MET B 182 -5.98 -1.12 4.50
N ASN B 183 -7.08 -0.37 4.41
CA ASN B 183 -7.95 -0.15 5.57
C ASN B 183 -8.99 -1.22 5.80
N ASN B 184 -9.29 -1.93 4.73
CA ASN B 184 -10.24 -3.03 4.80
C ASN B 184 -9.68 -4.26 5.51
N GLN B 185 -8.35 -4.36 5.59
CA GLN B 185 -7.69 -5.42 6.38
C GLN B 185 -7.61 -5.11 7.89
N GLY B 187 -5.94 -2.78 9.26
CA GLY B 187 -7.07 -1.89 9.51
C GLY B 187 -8.23 -2.56 10.27
N GLN B 188 -9.43 -1.98 10.19
CA GLN B 188 -10.64 -2.50 10.90
C GLN B 188 -10.69 -2.16 12.41
N SER B 189 -9.59 -2.48 13.11
CA SER B 189 -9.48 -2.21 14.54
C SER B 189 -9.17 -0.73 14.80
N LEU B 190 -8.99 0.05 13.73
CA LEU B 190 -8.72 1.46 13.90
C LEU B 190 -9.97 2.38 13.86
N GLU B 191 -11.16 1.78 13.85
CA GLU B 191 -12.38 2.58 13.75
C GLU B 191 -12.56 3.55 14.93
N LEU B 192 -12.91 4.79 14.63
CA LEU B 192 -12.97 5.85 15.64
C LEU B 192 -14.29 5.82 16.41
N ASP B 193 -14.19 6.10 17.70
CA ASP B 193 -15.34 6.40 18.57
C ASP B 193 -15.71 7.89 18.60
N GLY B 194 -14.79 8.77 18.23
CA GLY B 194 -15.06 10.21 18.31
C GLY B 194 -13.96 11.00 17.64
N ILE B 195 -14.26 12.25 17.36
CA ILE B 195 -13.31 13.15 16.68
C ILE B 195 -13.35 14.46 17.42
N ILE B 196 -12.19 14.97 17.79
CA ILE B 196 -12.04 16.32 18.28
C ILE B 196 -11.40 17.15 17.14
N TYR B 197 -12.16 18.14 16.67
CA TYR B 197 -11.71 19.13 15.67
C TYR B 197 -11.20 20.41 16.34
N LEU B 198 -9.90 20.63 16.27
CA LEU B 198 -9.31 21.89 16.71
C LEU B 198 -9.29 22.87 15.56
N GLN B 199 -10.13 23.89 15.74
CA GLN B 199 -10.36 24.88 14.73
C GLN B 199 -9.50 26.12 15.01
N ALA B 200 -8.61 26.43 14.08
CA ALA B 200 -7.84 27.67 14.03
C ALA B 200 -7.97 28.26 12.63
N THR B 201 -7.95 29.59 12.52
CA THR B 201 -7.94 30.26 11.20
C THR B 201 -6.63 29.99 10.48
N PRO B 202 -6.63 30.01 9.13
CA PRO B 202 -5.40 29.83 8.37
C PRO B 202 -4.31 30.81 8.80
N GLU B 203 -4.73 32.02 9.18
CA GLU B 203 -3.81 33.06 9.70
C GLU B 203 -3.11 32.62 10.99
N THR B 204 -3.88 32.08 11.92
CA THR B 204 -3.32 31.51 13.15
C THR B 204 -2.34 30.37 12.84
N CYS B 205 -2.74 29.46 11.96
CA CYS B 205 -1.90 28.34 11.57
C CYS B 205 -0.60 28.81 10.95
N LEU B 206 -0.68 29.83 10.09
CA LEU B 206 0.55 30.35 9.46
C LEU B 206 1.54 30.88 10.52
N HIS B 207 1.01 31.65 11.48
CA HIS B 207 1.80 32.22 12.57
C HIS B 207 2.47 31.11 13.39
N ARG B 208 1.70 30.06 13.73
CA ARG B 208 2.17 28.93 14.50
C ARG B 208 3.18 28.11 13.74
N ILE B 209 3.06 28.07 12.41
CA ILE B 209 4.09 27.47 11.62
C ILE B 209 5.47 28.12 11.85
N TYR B 210 5.47 29.46 11.81
CA TYR B 210 6.64 30.28 12.09
C TYR B 210 7.13 30.06 13.52
N LEU B 211 6.21 30.03 14.50
CA LEU B 211 6.60 29.77 15.90
C LEU B 211 7.37 28.47 16.05
N ARG B 212 6.80 27.39 15.51
CA ARG B 212 7.38 26.08 15.65
C ARG B 212 8.71 25.93 14.90
N GLY B 213 8.82 26.55 13.71
CA GLY B 213 10.04 26.58 12.93
C GLY B 213 10.46 25.31 12.22
N ARG B 214 9.53 24.40 11.92
CA ARG B 214 9.86 23.24 11.13
C ARG B 214 10.42 23.76 9.76
N ASN B 215 11.65 23.36 9.41
CA ASN B 215 12.32 23.88 8.22
C ASN B 215 11.53 23.66 6.94
N GLU B 216 10.95 22.48 6.79
CA GLU B 216 10.17 22.10 5.61
C GLU B 216 8.90 22.93 5.43
N GLU B 217 8.43 23.57 6.48
CA GLU B 217 7.13 24.25 6.47
C GLU B 217 7.21 25.73 6.21
N GLN B 218 8.42 26.26 6.27
CA GLN B 218 8.59 27.73 6.32
C GLN B 218 8.12 28.47 5.05
N GLY B 219 8.15 27.81 3.90
CA GLY B 219 7.64 28.41 2.67
C GLY B 219 6.14 28.25 2.41
N ILE B 220 5.44 27.51 3.26
CA ILE B 220 4.00 27.29 3.07
C ILE B 220 3.24 28.61 2.93
N PRO B 221 2.49 28.76 1.83
CA PRO B 221 1.74 30.00 1.66
C PRO B 221 0.40 29.95 2.39
N LEU B 222 -0.06 31.11 2.84
CA LEU B 222 -1.41 31.21 3.41
C LEU B 222 -2.54 30.49 2.59
N GLU B 223 -2.50 30.63 1.27
CA GLU B 223 -3.53 30.07 0.37
C GLU B 223 -3.65 28.56 0.44
N TYR B 224 -2.52 27.89 0.64
CA TYR B 224 -2.49 26.46 0.80
C TYR B 224 -3.20 26.09 2.15
N LEU B 225 -2.88 26.80 3.21
CA LEU B 225 -3.56 26.61 4.51
C LEU B 225 -5.06 26.87 4.36
N GLU B 226 -5.42 27.90 3.60
CA GLU B 226 -6.86 28.20 3.30
C GLU B 226 -7.59 27.03 2.67
N LYS B 227 -7.01 26.43 1.64
CA LYS B 227 -7.61 25.26 1.02
C LYS B 227 -7.76 24.12 2.01
N LEU B 228 -6.73 23.90 2.83
CA LEU B 228 -6.82 22.82 3.83
C LEU B 228 -7.92 23.11 4.87
N HIS B 229 -8.03 24.37 5.29
CA HIS B 229 -9.03 24.83 6.21
C HIS B 229 -10.43 24.53 5.65
N TYR B 230 -10.66 24.88 4.38
CA TYR B 230 -11.99 24.68 3.76
C TYR B 230 -12.36 23.19 3.71
N LYS B 231 -11.39 22.33 3.44
CA LYS B 231 -11.65 20.88 3.45
C LYS B 231 -12.05 20.39 4.85
N HIS B 232 -11.34 20.86 5.88
CA HIS B 232 -11.64 20.48 7.27
C HIS B 232 -13.04 20.92 7.62
N GLU B 233 -13.37 22.16 7.26
CA GLU B 233 -14.70 22.73 7.53
C GLU B 233 -15.78 21.88 6.80
N SER B 234 -15.54 21.53 5.54
CA SER B 234 -16.49 20.70 4.80
C SER B 234 -16.69 19.33 5.47
N TRP B 235 -15.62 18.75 6.00
CA TRP B 235 -15.70 17.43 6.59
C TRP B 235 -16.30 17.47 8.00
N LEU B 236 -15.83 18.38 8.83
CA LEU B 236 -16.08 18.23 10.26
C LEU B 236 -17.10 19.23 10.80
N LEU B 237 -17.30 20.35 10.10
CA LEU B 237 -18.25 21.35 10.58
C LEU B 237 -19.53 21.36 9.72
N HIS B 238 -19.42 21.52 8.40
CA HIS B 238 -20.59 21.44 7.52
C HIS B 238 -21.06 20.04 7.27
N ARG B 239 -20.13 19.09 7.37
CA ARG B 239 -20.40 17.69 7.14
C ARG B 239 -20.95 17.39 5.74
N THR B 240 -20.42 18.08 4.74
CA THR B 240 -20.82 17.87 3.36
C THR B 240 -19.84 16.93 2.68
N LEU B 241 -18.65 16.76 3.26
CA LEU B 241 -17.68 15.85 2.67
C LEU B 241 -18.05 14.37 2.82
N LYS B 242 -18.38 13.72 1.70
CA LYS B 242 -18.71 12.29 1.69
C LYS B 242 -17.46 11.38 1.60
N THR B 243 -17.28 10.51 2.60
CA THR B 243 -16.26 9.44 2.49
C THR B 243 -16.96 8.13 2.13
N ASN B 244 -16.20 7.14 1.69
CA ASN B 244 -16.81 5.82 1.51
C ASN B 244 -16.78 4.94 2.76
N PHE B 245 -16.56 5.57 3.92
CA PHE B 245 -16.55 4.87 5.20
C PHE B 245 -17.85 5.25 5.93
N ASP B 246 -18.77 4.30 5.89
CA ASP B 246 -20.17 4.54 6.25
C ASP B 246 -20.35 4.92 7.73
N TYR B 247 -19.63 4.22 8.61
CA TYR B 247 -19.75 4.43 10.04
C TYR B 247 -19.41 5.86 10.44
N LEU B 248 -18.57 6.49 9.63
CA LEU B 248 -18.03 7.81 9.94
C LEU B 248 -19.08 8.89 10.00
N GLN B 249 -20.22 8.67 9.36
CA GLN B 249 -21.27 9.68 9.42
C GLN B 249 -22.01 9.72 10.76
N GLU B 250 -21.80 8.70 11.60
CA GLU B 250 -22.39 8.62 12.94
C GLU B 250 -21.40 8.93 14.07
N VAL B 251 -20.16 9.25 13.75
CA VAL B 251 -19.15 9.46 14.79
C VAL B 251 -19.34 10.88 15.35
N PRO B 252 -19.50 11.02 16.68
CA PRO B 252 -19.65 12.38 17.25
C PRO B 252 -18.41 13.26 17.07
N ILE B 253 -18.61 14.54 16.82
CA ILE B 253 -17.46 15.42 16.67
C ILE B 253 -17.54 16.53 17.70
N LEU B 254 -16.44 16.79 18.40
CA LEU B 254 -16.33 17.90 19.34
C LEU B 254 -15.48 18.97 18.70
N THR B 255 -16.07 20.14 18.42
CA THR B 255 -15.31 21.22 17.81
C THR B 255 -14.83 22.20 18.88
N LEU B 256 -13.52 22.34 19.00
CA LEU B 256 -12.90 23.32 19.89
C LEU B 256 -12.22 24.49 19.15
N ASP B 257 -12.48 25.71 19.58
CA ASP B 257 -11.76 26.84 19.00
C ASP B 257 -10.45 27.06 19.73
N VAL B 258 -9.36 27.01 19.00
CA VAL B 258 -8.03 27.13 19.61
C VAL B 258 -7.28 28.35 19.10
N ASN B 259 -8.02 29.31 18.56
CA ASN B 259 -7.37 30.51 17.99
C ASN B 259 -6.69 31.38 19.04
N GLU B 260 -7.16 31.33 20.27
CA GLU B 260 -6.56 32.19 21.32
C GLU B 260 -5.21 31.61 21.82
N ASP B 261 -4.35 32.50 22.31
CA ASP B 261 -3.16 32.08 23.07
C ASP B 261 -3.56 31.05 24.18
N PHE B 262 -2.73 30.04 24.49
CA PHE B 262 -3.21 28.92 25.35
C PHE B 262 -3.72 29.18 26.76
N LYS B 263 -3.22 30.23 27.42
CA LYS B 263 -3.77 30.63 28.75
C LYS B 263 -5.29 30.92 28.70
N ASP B 264 -5.73 31.52 27.60
CA ASP B 264 -7.06 32.11 27.48
C ASP B 264 -8.23 31.13 27.68
N LYS B 265 -8.11 29.91 27.14
CA LYS B 265 -9.23 28.96 27.22
C LYS B 265 -8.90 27.50 27.59
N TYR B 266 -7.63 27.15 27.82
CA TYR B 266 -7.28 25.73 27.95
C TYR B 266 -7.99 24.97 29.09
N GLU B 267 -8.30 25.68 30.17
CA GLU B 267 -9.19 25.20 31.24
C GLU B 267 -10.48 24.66 30.68
N SER B 268 -11.26 25.52 30.02
CA SER B 268 -12.55 25.12 29.47
C SER B 268 -12.38 24.00 28.43
N LEU B 269 -11.27 24.01 27.67
CA LEU B 269 -11.12 23.04 26.58
C LEU B 269 -10.93 21.62 27.14
N VAL B 270 -10.07 21.47 28.12
CA VAL B 270 -9.84 20.16 28.70
C VAL B 270 -11.13 19.54 29.25
N GLU B 271 -11.94 20.34 29.94
CA GLU B 271 -13.20 19.88 30.53
C GLU B 271 -14.26 19.55 29.49
N LYS B 272 -14.23 20.28 28.37
CA LYS B 272 -15.07 19.93 27.24
C LYS B 272 -14.73 18.52 26.71
N VAL B 273 -13.44 18.15 26.73
CA VAL B 273 -12.98 16.81 26.28
C VAL B 273 -13.43 15.75 27.30
N LYS B 274 -13.28 16.07 28.57
CA LYS B 274 -13.90 15.28 29.65
C LYS B 274 -15.40 15.11 29.47
N GLU B 275 -16.16 16.19 29.33
CA GLU B 275 -17.59 16.07 28.99
C GLU B 275 -17.76 15.04 27.86
N PHE B 276 -17.07 15.29 26.76
CA PHE B 276 -17.24 14.53 25.52
C PHE B 276 -16.94 13.03 25.70
N LEU B 277 -15.79 12.70 26.27
CA LEU B 277 -15.39 11.30 26.39
C LEU B 277 -16.31 10.45 27.29
N SER B 278 -16.96 11.07 28.27
CA SER B 278 -17.86 10.32 29.17
C SER B 278 -19.16 9.94 28.45
N THR B 279 -19.44 10.62 27.34
CA THR B 279 -20.60 10.32 26.51
C THR B 279 -20.37 9.19 25.48
N LEU B 280 -19.14 8.68 25.39
CA LEU B 280 -18.81 7.61 24.39
C LEU B 280 -18.76 6.22 25.01
PB ADP C . 3.95 -15.74 -19.08
O1B ADP C . 4.20 -14.29 -19.24
O2B ADP C . 2.68 -16.01 -18.33
O3B ADP C . 5.18 -16.40 -18.49
PA ADP C . 2.55 -16.83 -21.40
O1A ADP C . 2.10 -18.12 -20.79
O2A ADP C . 1.60 -15.71 -21.63
O3A ADP C . 3.88 -16.31 -20.61
O5' ADP C . 3.21 -17.20 -22.81
C5' ADP C . 3.78 -16.17 -23.64
C4' ADP C . 3.55 -16.50 -25.14
O4' ADP C . 4.29 -17.66 -25.41
C3' ADP C . 2.08 -16.79 -25.54
O3' ADP C . 1.86 -16.28 -26.88
C2' ADP C . 2.01 -18.29 -25.48
O2' ADP C . 1.04 -18.84 -26.33
C1' ADP C . 3.41 -18.73 -25.90
N9 ADP C . 4.02 -19.92 -25.28
C8 ADP C . 4.24 -20.18 -23.97
N7 ADP C . 4.93 -21.35 -23.82
C5 ADP C . 5.16 -21.84 -25.05
C6 ADP C . 5.87 -23.04 -25.58
N6 ADP C . 6.42 -23.88 -24.79
N1 ADP C . 5.88 -23.18 -26.93
C2 ADP C . 5.31 -22.24 -27.85
N3 ADP C . 4.64 -21.07 -27.27
C4 ADP C . 4.62 -20.93 -25.93
O1 3TC D . 7.70 -5.14 -13.83
C1 3TC D . 7.14 -5.97 -13.15
N2 3TC D . 7.11 -5.82 -11.81
C3 3TC D . 6.48 -6.75 -11.08
N3 3TC D . 6.49 -6.58 -9.75
C5 3TC D . 5.79 -7.84 -11.69
C7 3TC D . 5.82 -7.94 -13.09
N1 3TC D . 6.47 -7.00 -13.80
C4 3TC D . 6.56 -7.00 -15.28
C6 3TC D . 5.63 -5.91 -15.84
O2 3TC D . 6.09 -8.26 -15.69
C2 3TC D . 5.03 -8.22 -16.66
S1 3TC D . 4.14 -6.75 -16.18
C8 3TC D . 4.17 -9.44 -16.59
O3 3TC D . 5.07 -10.53 -16.80
PB ADP E . 0.09 20.65 15.33
O1B ADP E . 0.81 20.70 14.02
O2B ADP E . 0.42 19.44 16.19
O3B ADP E . -1.40 20.86 15.14
PA ADP E . 1.61 22.09 17.41
O1A ADP E . 0.86 21.49 18.59
O2A ADP E . 2.97 21.59 17.13
O3A ADP E . 0.64 21.95 16.12
O5' ADP E . 1.58 23.67 17.58
C5' ADP E . 2.16 24.52 16.59
C4' ADP E . 2.94 25.66 17.28
O4' ADP E . 2.04 26.56 17.91
C3' ADP E . 3.88 25.19 18.38
O3' ADP E . 5.00 26.07 18.41
C2' ADP E . 3.08 25.39 19.67
O2' ADP E . 3.85 25.58 20.87
C1' ADP E . 2.23 26.60 19.35
N9 ADP E . 0.86 26.56 19.90
C8 ADP E . 0.00 25.51 19.81
N7 ADP E . -1.18 25.85 20.37
C5 ADP E . -1.08 27.13 20.81
C6 ADP E . -1.97 28.08 21.50
N6 ADP E . -3.15 27.77 21.81
N1 ADP E . -1.49 29.31 21.79
C2 ADP E . -0.15 29.78 21.47
N3 ADP E . 0.66 28.77 20.80
C4 ADP E . 0.18 27.54 20.48
O1 3TC F . 0.52 16.69 3.60
C1 3TC F . 0.16 15.89 4.46
N2 3TC F . -0.44 14.72 4.16
C3 3TC F . -0.85 13.88 5.13
N3 3TC F . -1.45 12.70 4.79
C5 3TC F . -0.67 14.24 6.47
C7 3TC F . -0.04 15.47 6.77
N1 3TC F . 0.34 16.28 5.79
C4 3TC F . 1.02 17.58 6.02
C6 3TC F . 2.51 17.47 5.64
O2 3TC F . 0.83 17.90 7.39
C2 3TC F . 2.05 18.19 8.09
S1 3TC F . 3.30 17.33 7.20
C8 3TC F . 1.93 17.75 9.53
O3 3TC F . 0.87 18.57 10.00
#